data_3WVJ
#
_entry.id   3WVJ
#
_cell.length_a   74.450
_cell.length_b   74.450
_cell.length_c   182.918
_cell.angle_alpha   90.00
_cell.angle_beta   90.00
_cell.angle_gamma   120.00
#
_symmetry.space_group_name_H-M   'P 31 2 1'
#
loop_
_entity.id
_entity.type
_entity.pdbx_description
1 polymer Beta-glucanase
2 non-polymer 2-[3-(2-HYDROXY-1,1-DIHYDROXYMETHYL-ETHYLAMINO)-PROPYLAMINO]-2-HYDROXYMETHYL-PROPANE-1,3-DIOL
3 water water
#
_entity_poly.entity_id   1
_entity_poly.type   'polypeptide(L)'
_entity_poly.pdbx_seq_one_letter_code
;ATVVNTPFVAVFSNFDSSQWEKADWANGSVFNCVWKPSQVTFSNGKMILTLDREYGGSYPYKSGEYRTKSFFGYGYYEVR
MKAAKNVGIVSSFFTYTGPSDNNPWDEIDIEFLGKDTTKVQFNWYKNGVGGNEYLHNLGFDASQDFHTYGFEWRPDYIDF
YVDGKKVYRGTRNIPVTPGKIMMNLWPGIGVDEWLGRYDGRTPLQAEYEYVKYYPNGVPQ
;
_entity_poly.pdbx_strand_id   A,B
#
# COMPACT_ATOMS: atom_id res chain seq x y z
N ALA A 1 15.66 5.69 5.44
CA ALA A 1 15.13 6.20 4.14
C ALA A 1 16.23 6.42 3.06
N THR A 2 17.39 5.77 3.20
CA THR A 2 18.43 5.89 2.15
C THR A 2 18.15 4.92 0.99
N VAL A 3 18.13 5.43 -0.25
CA VAL A 3 18.18 4.52 -1.38
C VAL A 3 19.25 3.46 -1.07
N VAL A 4 18.93 2.19 -1.31
CA VAL A 4 19.92 1.13 -1.15
C VAL A 4 20.95 1.18 -2.32
N ASN A 5 22.23 1.24 -1.94
CA ASN A 5 23.36 1.36 -2.88
C ASN A 5 24.39 0.29 -2.64
N THR A 6 24.02 -0.74 -1.90
CA THR A 6 24.87 -1.87 -1.53
C THR A 6 24.14 -3.14 -1.98
N PRO A 7 24.87 -4.28 -2.09
CA PRO A 7 24.20 -5.48 -2.58
C PRO A 7 23.05 -5.92 -1.67
N PHE A 8 21.97 -6.39 -2.29
CA PHE A 8 20.77 -6.84 -1.61
C PHE A 8 20.46 -8.22 -2.14
N VAL A 9 20.24 -9.15 -1.21
CA VAL A 9 19.94 -10.54 -1.56
C VAL A 9 18.81 -11.03 -0.70
N ALA A 10 17.71 -11.43 -1.33
CA ALA A 10 16.64 -12.10 -0.66
C ALA A 10 16.47 -13.47 -1.28
N VAL A 11 16.95 -14.52 -0.62
CA VAL A 11 16.64 -15.86 -1.11
C VAL A 11 15.45 -16.34 -0.31
N PHE A 12 14.33 -16.64 -0.97
CA PHE A 12 13.07 -16.89 -0.22
C PHE A 12 13.00 -18.21 0.59
N SER A 13 14.01 -19.06 0.40
CA SER A 13 14.19 -20.25 1.27
C SER A 13 14.70 -19.85 2.63
N ASN A 14 15.33 -18.69 2.71
CA ASN A 14 15.79 -18.19 3.96
C ASN A 14 16.20 -16.75 3.95
N PHE A 15 15.35 -15.84 4.41
CA PHE A 15 15.57 -14.40 4.23
C PHE A 15 14.95 -13.54 5.32
N ASP A 16 15.36 -12.28 5.35
CA ASP A 16 14.80 -11.29 6.27
C ASP A 16 13.51 -10.67 5.71
N SER A 17 12.43 -11.30 6.17
CA SER A 17 11.06 -11.00 5.95
C SER A 17 10.75 -9.54 6.23
N SER A 18 11.60 -8.91 7.06
CA SER A 18 11.29 -7.60 7.60
C SER A 18 11.56 -6.52 6.54
N GLN A 19 12.24 -6.90 5.47
CA GLN A 19 12.55 -6.00 4.33
C GLN A 19 11.38 -5.90 3.35
N TRP A 20 10.29 -6.60 3.63
CA TRP A 20 9.16 -6.74 2.61
C TRP A 20 7.80 -6.44 3.17
N GLU A 21 6.91 -6.12 2.23
CA GLU A 21 5.52 -5.82 2.52
C GLU A 21 4.62 -6.59 1.58
N LYS A 22 3.56 -7.22 2.12
CA LYS A 22 2.56 -7.85 1.20
C LYS A 22 1.48 -6.83 0.93
N ALA A 23 1.03 -6.63 -0.30
CA ALA A 23 -0.01 -5.62 -0.52
C ALA A 23 -1.37 -6.13 -0.01
N ASP A 24 -2.19 -5.19 0.42
CA ASP A 24 -3.47 -5.56 1.03
C ASP A 24 -4.41 -4.47 0.51
N TRP A 25 -4.64 -4.38 -0.80
CA TRP A 25 -5.51 -3.37 -1.44
C TRP A 25 -5.63 -3.67 -2.92
N ALA A 26 -6.43 -2.91 -3.65
CA ALA A 26 -6.60 -3.17 -5.10
C ALA A 26 -5.83 -2.16 -5.91
N ASN A 27 -4.98 -2.64 -6.83
CA ASN A 27 -4.13 -1.71 -7.67
C ASN A 27 -5.01 -0.89 -8.57
N GLY A 28 -6.19 -1.41 -8.97
CA GLY A 28 -7.07 -0.78 -9.93
C GLY A 28 -6.51 -0.90 -11.37
N SER A 29 -6.70 0.11 -12.24
CA SER A 29 -6.08 0.02 -13.54
C SER A 29 -6.50 -1.25 -14.32
N VAL A 30 -5.59 -1.95 -14.99
CA VAL A 30 -6.06 -3.08 -15.82
C VAL A 30 -6.08 -4.39 -15.06
N PHE A 31 -6.01 -4.34 -13.74
CA PHE A 31 -5.78 -5.54 -12.87
C PHE A 31 -7.16 -5.92 -12.34
N ASN A 32 -7.65 -7.11 -12.66
CA ASN A 32 -9.01 -7.57 -12.24
C ASN A 32 -8.90 -8.45 -10.98
N CYS A 33 -8.11 -8.04 -9.99
CA CYS A 33 -8.00 -8.78 -8.69
C CYS A 33 -7.73 -7.75 -7.61
N VAL A 34 -7.92 -8.17 -6.37
CA VAL A 34 -7.49 -7.40 -5.22
C VAL A 34 -6.26 -8.15 -4.71
N TRP A 35 -5.27 -7.38 -4.22
CA TRP A 35 -4.19 -8.04 -3.54
C TRP A 35 -4.59 -8.39 -2.13
N LYS A 36 -4.32 -9.61 -1.76
CA LYS A 36 -4.42 -9.95 -0.35
C LYS A 36 -3.07 -10.51 0.13
N PRO A 37 -2.68 -10.20 1.40
CA PRO A 37 -1.50 -10.92 1.98
C PRO A 37 -1.60 -12.43 1.97
N SER A 38 -2.78 -12.97 2.15
CA SER A 38 -2.98 -14.46 2.23
C SER A 38 -2.45 -15.13 0.93
N GLN A 39 -2.28 -14.34 -0.16
CA GLN A 39 -1.93 -14.93 -1.43
C GLN A 39 -0.41 -14.96 -1.72
N VAL A 40 0.35 -14.43 -0.77
CA VAL A 40 1.79 -14.55 -0.77
C VAL A 40 2.16 -15.56 0.32
N THR A 41 2.70 -16.73 -0.01
CA THR A 41 2.97 -17.79 1.00
C THR A 41 4.34 -18.27 0.61
N PHE A 42 4.90 -19.15 1.42
CA PHE A 42 6.26 -19.66 1.27
C PHE A 42 6.23 -21.20 1.40
N SER A 43 6.79 -21.89 0.41
CA SER A 43 7.07 -23.31 0.50
C SER A 43 8.20 -23.70 -0.46
N ASN A 44 8.89 -24.79 -0.10
CA ASN A 44 9.93 -25.46 -0.92
C ASN A 44 11.09 -24.61 -1.34
N GLY A 45 11.44 -23.72 -0.43
CA GLY A 45 12.42 -22.71 -0.76
C GLY A 45 11.90 -21.52 -1.55
N LYS A 46 10.60 -21.53 -1.86
CA LYS A 46 10.01 -20.48 -2.75
C LYS A 46 8.96 -19.54 -2.15
N MET A 47 8.84 -18.35 -2.74
CA MET A 47 7.74 -17.49 -2.45
C MET A 47 6.71 -17.81 -3.52
N ILE A 48 5.45 -17.98 -3.11
CA ILE A 48 4.39 -18.39 -4.04
C ILE A 48 3.35 -17.24 -4.10
N LEU A 49 3.01 -16.79 -5.31
CA LEU A 49 1.88 -15.92 -5.48
C LEU A 49 0.76 -16.75 -6.05
N THR A 50 -0.42 -16.69 -5.42
CA THR A 50 -1.55 -17.54 -5.83
C THR A 50 -2.73 -16.67 -6.20
N LEU A 51 -3.14 -16.78 -7.45
CA LEU A 51 -4.32 -16.14 -7.98
C LEU A 51 -5.43 -17.14 -7.78
N ASP A 52 -6.47 -16.68 -7.15
CA ASP A 52 -7.57 -17.52 -6.73
C ASP A 52 -8.84 -16.68 -6.72
N ARG A 53 -9.96 -17.35 -6.77
CA ARG A 53 -11.22 -16.72 -6.71
C ARG A 53 -11.33 -16.02 -5.39
N GLU A 54 -12.12 -14.94 -5.37
CA GLU A 54 -12.31 -14.11 -4.20
C GLU A 54 -13.76 -14.09 -3.95
N TYR A 55 -14.17 -14.16 -2.69
CA TYR A 55 -15.59 -14.31 -2.33
C TYR A 55 -16.17 -13.12 -1.57
N GLY A 56 -17.23 -12.52 -2.12
CA GLY A 56 -17.88 -11.36 -1.53
C GLY A 56 -17.01 -10.11 -1.38
N GLY A 57 -15.94 -10.00 -2.15
CA GLY A 57 -15.17 -8.75 -2.19
C GLY A 57 -15.72 -7.94 -3.34
N SER A 58 -15.02 -6.91 -3.77
CA SER A 58 -15.52 -6.14 -4.91
C SER A 58 -14.86 -6.59 -6.17
N TYR A 59 -13.90 -7.48 -6.03
CA TYR A 59 -13.13 -7.98 -7.15
C TYR A 59 -13.45 -9.49 -7.22
N PRO A 60 -13.42 -10.09 -8.41
CA PRO A 60 -13.81 -11.49 -8.59
C PRO A 60 -12.66 -12.39 -8.25
N TYR A 61 -11.47 -11.80 -8.22
CA TYR A 61 -10.27 -12.53 -7.93
C TYR A 61 -9.36 -11.90 -6.87
N LYS A 62 -8.61 -12.76 -6.16
CA LYS A 62 -7.55 -12.26 -5.28
C LYS A 62 -6.22 -12.81 -5.74
N SER A 63 -5.21 -12.00 -5.53
CA SER A 63 -3.90 -12.45 -5.77
C SER A 63 -2.86 -11.74 -4.88
N GLY A 64 -1.59 -11.90 -5.24
CA GLY A 64 -0.48 -11.50 -4.34
C GLY A 64 0.42 -10.48 -5.04
N GLU A 65 0.89 -9.53 -4.27
CA GLU A 65 2.01 -8.63 -4.72
C GLU A 65 2.97 -8.50 -3.56
N TYR A 66 4.26 -8.79 -3.79
CA TYR A 66 5.25 -8.73 -2.71
C TYR A 66 6.24 -7.64 -3.07
N ARG A 67 6.49 -6.75 -2.12
CA ARG A 67 7.22 -5.48 -2.39
C ARG A 67 8.30 -5.14 -1.36
N THR A 68 9.47 -4.70 -1.78
CA THR A 68 10.54 -4.33 -0.84
C THR A 68 10.05 -3.07 -0.13
N LYS A 69 10.54 -2.82 1.09
CA LYS A 69 10.34 -1.52 1.76
C LYS A 69 11.34 -0.50 1.22
N SER A 70 12.54 -0.95 0.86
CA SER A 70 13.59 -0.10 0.33
C SER A 70 13.43 0.26 -1.16
N PHE A 71 14.05 1.39 -1.49
CA PHE A 71 14.15 1.84 -2.86
C PHE A 71 15.57 1.52 -3.30
N PHE A 72 15.76 1.21 -4.59
CA PHE A 72 17.05 0.79 -5.15
C PHE A 72 17.36 1.62 -6.38
N GLY A 73 18.63 1.98 -6.54
CA GLY A 73 19.07 2.81 -7.69
C GLY A 73 19.59 2.06 -8.93
N TYR A 74 20.31 2.77 -9.81
CA TYR A 74 21.06 2.11 -10.90
C TYR A 74 21.77 0.80 -10.46
N GLY A 75 21.96 -0.13 -11.38
CA GLY A 75 22.58 -1.41 -11.06
C GLY A 75 21.85 -2.59 -11.68
N TYR A 76 22.23 -3.81 -11.23
CA TYR A 76 21.74 -5.07 -11.82
C TYR A 76 20.75 -5.77 -10.90
N TYR A 77 19.56 -6.01 -11.46
CA TYR A 77 18.45 -6.60 -10.72
C TYR A 77 18.25 -8.02 -11.27
N GLU A 78 18.19 -9.01 -10.38
CA GLU A 78 17.95 -10.36 -10.90
C GLU A 78 16.93 -11.11 -10.08
N VAL A 79 16.05 -11.81 -10.79
CA VAL A 79 15.09 -12.68 -10.16
C VAL A 79 15.34 -14.09 -10.69
N ARG A 80 15.12 -15.11 -9.87
CA ARG A 80 14.98 -16.49 -10.34
C ARG A 80 13.55 -16.93 -10.02
N MET A 81 12.81 -17.41 -11.02
CA MET A 81 11.37 -17.57 -10.96
C MET A 81 10.80 -18.54 -12.04
N LYS A 82 9.53 -18.89 -11.88
CA LYS A 82 8.84 -19.83 -12.76
C LYS A 82 7.46 -19.22 -12.92
N ALA A 83 7.14 -18.78 -14.14
CA ALA A 83 5.88 -18.11 -14.40
C ALA A 83 4.62 -19.02 -14.37
N ALA A 84 3.45 -18.40 -14.13
CA ALA A 84 2.17 -19.10 -14.28
C ALA A 84 1.79 -19.14 -15.76
N LYS A 85 1.20 -20.24 -16.21
CA LYS A 85 0.80 -20.32 -17.59
C LYS A 85 -0.71 -20.41 -17.60
N ASN A 86 -1.36 -19.43 -18.25
CA ASN A 86 -2.81 -19.41 -18.43
C ASN A 86 -3.11 -18.24 -19.38
N VAL A 87 -3.99 -18.40 -20.32
CA VAL A 87 -4.49 -17.23 -21.07
C VAL A 87 -4.96 -16.10 -20.13
N GLY A 88 -4.59 -14.86 -20.45
CA GLY A 88 -5.22 -13.70 -19.79
C GLY A 88 -4.57 -13.18 -18.53
N ILE A 89 -3.41 -13.71 -18.11
CA ILE A 89 -2.81 -13.28 -16.85
C ILE A 89 -1.40 -12.82 -17.14
N VAL A 90 -0.75 -12.29 -16.09
CA VAL A 90 0.64 -11.85 -16.11
C VAL A 90 1.30 -12.29 -14.82
N SER A 91 2.54 -12.79 -14.95
CA SER A 91 3.45 -12.93 -13.76
C SER A 91 4.60 -12.00 -13.93
N SER A 92 5.06 -11.35 -12.87
CA SER A 92 6.03 -10.28 -13.10
C SER A 92 7.12 -10.16 -12.07
N PHE A 93 8.08 -9.34 -12.46
CA PHE A 93 9.13 -8.98 -11.54
C PHE A 93 9.49 -7.59 -12.03
N PHE A 94 9.52 -6.56 -11.19
CA PHE A 94 9.68 -5.21 -11.78
C PHE A 94 10.15 -4.26 -10.70
N THR A 95 10.47 -3.05 -11.09
CA THR A 95 10.70 -2.00 -10.12
C THR A 95 9.66 -0.94 -10.36
N TYR A 96 9.22 -0.32 -9.29
CA TYR A 96 8.19 0.72 -9.39
C TYR A 96 8.39 1.83 -8.36
N THR A 97 8.29 3.07 -8.83
CA THR A 97 7.94 4.20 -7.97
C THR A 97 6.91 5.13 -8.66
N GLY A 98 6.25 6.04 -7.91
CA GLY A 98 5.26 6.88 -8.46
C GLY A 98 4.78 7.78 -7.36
N PRO A 99 3.52 8.22 -7.46
CA PRO A 99 3.02 9.40 -6.68
C PRO A 99 2.85 9.06 -5.21
N SER A 100 2.84 7.78 -4.90
CA SER A 100 2.85 7.41 -3.46
C SER A 100 4.06 7.97 -2.74
N ASP A 101 5.17 7.93 -3.47
CA ASP A 101 6.49 8.30 -3.05
C ASP A 101 6.78 9.76 -3.53
N ASN A 102 5.76 10.56 -3.83
CA ASN A 102 6.01 11.91 -4.41
C ASN A 102 6.93 11.86 -5.61
N ASN A 103 6.92 10.72 -6.28
CA ASN A 103 7.78 10.50 -7.41
C ASN A 103 7.07 10.45 -8.76
N PRO A 104 7.92 10.62 -9.86
CA PRO A 104 7.27 10.33 -11.15
C PRO A 104 7.07 8.82 -11.23
N TRP A 105 6.15 8.36 -12.05
CA TRP A 105 5.96 6.94 -12.30
C TRP A 105 7.03 6.43 -13.19
N ASP A 106 8.04 5.84 -12.57
CA ASP A 106 9.26 5.37 -13.22
C ASP A 106 9.27 3.85 -12.83
N GLU A 107 9.40 2.98 -13.83
CA GLU A 107 9.14 1.53 -13.60
C GLU A 107 9.84 0.72 -14.68
N ILE A 108 10.37 -0.42 -14.32
CA ILE A 108 11.00 -1.33 -15.30
C ILE A 108 10.36 -2.70 -15.10
N ASP A 109 9.78 -3.25 -16.16
CA ASP A 109 9.00 -4.48 -16.02
C ASP A 109 9.61 -5.65 -16.78
N ILE A 110 9.50 -6.84 -16.18
CA ILE A 110 9.74 -8.10 -16.91
C ILE A 110 8.46 -8.84 -16.61
N GLU A 111 7.70 -9.13 -17.66
CA GLU A 111 6.35 -9.63 -17.51
C GLU A 111 6.14 -10.88 -18.40
N PHE A 112 5.55 -11.90 -17.81
CA PHE A 112 5.34 -13.16 -18.55
C PHE A 112 3.88 -13.22 -18.79
N LEU A 113 3.50 -13.07 -20.06
CA LEU A 113 2.10 -13.09 -20.44
C LEU A 113 1.71 -14.57 -20.41
N GLY A 114 0.77 -14.96 -19.52
CA GLY A 114 0.34 -16.32 -19.35
C GLY A 114 -0.08 -17.04 -20.63
N LYS A 115 -0.56 -16.27 -21.61
CA LYS A 115 -1.11 -16.88 -22.81
C LYS A 115 -0.03 -17.53 -23.62
N ASP A 116 1.22 -17.14 -23.42
CA ASP A 116 2.34 -17.74 -24.12
C ASP A 116 3.63 -17.60 -23.33
N THR A 117 3.94 -18.64 -22.58
CA THR A 117 5.10 -18.63 -21.72
C THR A 117 6.44 -19.04 -22.39
N THR A 118 6.46 -19.17 -23.72
CA THR A 118 7.76 -19.23 -24.41
C THR A 118 8.35 -17.82 -24.69
N LYS A 119 7.61 -16.78 -24.28
CA LYS A 119 7.99 -15.38 -24.49
C LYS A 119 8.02 -14.65 -23.17
N VAL A 120 8.90 -13.65 -23.12
CA VAL A 120 8.97 -12.74 -21.99
C VAL A 120 8.88 -11.34 -22.56
N GLN A 121 8.12 -10.50 -21.85
CA GLN A 121 7.94 -9.13 -22.30
C GLN A 121 8.73 -8.13 -21.45
N PHE A 122 9.47 -7.25 -22.13
CA PHE A 122 10.14 -6.17 -21.38
C PHE A 122 9.38 -4.85 -21.66
N ASN A 123 9.32 -3.97 -20.66
CA ASN A 123 8.69 -2.68 -20.79
C ASN A 123 9.28 -1.78 -19.71
N TRP A 124 9.09 -0.47 -19.84
CA TRP A 124 9.47 0.42 -18.75
C TRP A 124 8.70 1.70 -18.92
N TYR A 125 8.56 2.41 -17.79
CA TYR A 125 7.89 3.70 -17.81
C TYR A 125 8.82 4.79 -17.35
N LYS A 126 8.73 5.95 -17.97
CA LYS A 126 9.37 7.16 -17.41
C LYS A 126 8.37 8.29 -17.31
N ASN A 127 8.21 8.86 -16.09
CA ASN A 127 7.25 9.92 -15.87
C ASN A 127 5.90 9.43 -16.39
N GLY A 128 5.59 8.17 -16.20
CA GLY A 128 4.26 7.75 -16.48
C GLY A 128 3.98 7.48 -17.97
N VAL A 129 5.00 7.46 -18.78
CA VAL A 129 4.82 7.19 -20.21
C VAL A 129 5.58 5.90 -20.55
N GLY A 130 4.85 4.88 -21.01
CA GLY A 130 5.47 3.62 -21.36
C GLY A 130 5.63 3.50 -22.86
N GLY A 131 5.11 2.40 -23.43
CA GLY A 131 5.10 2.32 -24.88
C GLY A 131 6.37 1.61 -25.37
N ASN A 132 7.06 0.86 -24.47
CA ASN A 132 8.31 0.17 -24.81
C ASN A 132 8.25 -1.36 -24.87
N GLU A 133 7.04 -1.91 -24.93
CA GLU A 133 6.79 -3.36 -24.91
C GLU A 133 7.66 -4.05 -25.96
N TYR A 134 8.57 -4.90 -25.53
CA TYR A 134 9.40 -5.64 -26.48
C TYR A 134 9.23 -7.11 -26.11
N LEU A 135 8.72 -7.94 -27.00
CA LEU A 135 8.60 -9.39 -26.70
C LEU A 135 9.76 -10.25 -27.13
N HIS A 136 10.44 -10.89 -26.20
CA HIS A 136 11.57 -11.72 -26.54
C HIS A 136 11.23 -13.19 -26.55
N ASN A 137 11.69 -13.92 -27.57
CA ASN A 137 11.48 -15.37 -27.57
C ASN A 137 12.52 -16.07 -26.70
N LEU A 138 12.07 -16.83 -25.70
CA LEU A 138 13.03 -17.39 -24.76
C LEU A 138 13.74 -18.61 -25.29
N GLY A 139 13.10 -19.36 -26.17
CA GLY A 139 13.71 -20.60 -26.65
C GLY A 139 13.58 -21.68 -25.60
N PHE A 140 12.74 -21.44 -24.60
CA PHE A 140 12.28 -22.46 -23.66
C PHE A 140 10.96 -22.01 -23.07
N ASP A 141 10.35 -22.86 -22.25
CA ASP A 141 9.08 -22.52 -21.62
C ASP A 141 9.28 -22.04 -20.18
N ALA A 142 8.89 -20.79 -19.91
CA ALA A 142 9.23 -20.14 -18.66
C ALA A 142 8.43 -20.71 -17.50
N SER A 143 7.33 -21.38 -17.83
CA SER A 143 6.51 -21.99 -16.82
C SER A 143 7.00 -23.41 -16.43
N GLN A 144 8.00 -23.93 -17.10
CA GLN A 144 8.28 -25.35 -16.95
C GLN A 144 9.25 -25.62 -15.84
N ASP A 145 10.16 -24.67 -15.61
CA ASP A 145 11.13 -24.74 -14.55
C ASP A 145 11.61 -23.33 -14.20
N PHE A 146 12.49 -23.23 -13.22
CA PHE A 146 12.94 -21.93 -12.80
C PHE A 146 14.02 -21.47 -13.75
N HIS A 147 14.11 -20.15 -13.99
CA HIS A 147 15.18 -19.57 -14.77
C HIS A 147 15.50 -18.29 -14.12
N THR A 148 16.61 -17.65 -14.46
CA THR A 148 16.83 -16.31 -13.92
C THR A 148 16.65 -15.28 -15.02
N TYR A 149 16.22 -14.09 -14.61
CA TYR A 149 15.86 -12.98 -15.53
C TYR A 149 16.31 -11.74 -14.79
N GLY A 150 16.65 -10.70 -15.54
CA GLY A 150 17.24 -9.53 -14.86
C GLY A 150 17.41 -8.38 -15.83
N PHE A 151 17.74 -7.20 -15.28
CA PHE A 151 18.14 -6.04 -16.09
C PHE A 151 19.22 -5.22 -15.38
N GLU A 152 20.20 -4.74 -16.13
CA GLU A 152 21.10 -3.72 -15.58
C GLU A 152 20.48 -2.42 -16.04
N TRP A 153 20.07 -1.63 -15.05
CA TRP A 153 19.53 -0.30 -15.23
C TRP A 153 20.61 0.73 -14.99
N ARG A 154 20.77 1.63 -15.97
CA ARG A 154 21.77 2.68 -15.93
C ARG A 154 21.15 3.98 -16.45
N PRO A 155 21.85 5.10 -16.27
CA PRO A 155 21.16 6.35 -16.62
C PRO A 155 20.75 6.42 -18.09
N ASP A 156 21.45 5.74 -18.97
CA ASP A 156 21.13 5.85 -20.40
C ASP A 156 20.51 4.59 -20.98
N TYR A 157 20.41 3.51 -20.19
CA TYR A 157 19.94 2.27 -20.81
C TYR A 157 19.43 1.28 -19.81
N ILE A 158 18.76 0.28 -20.35
CA ILE A 158 18.36 -0.89 -19.63
C ILE A 158 18.76 -2.11 -20.47
N ASP A 159 19.57 -2.97 -19.90
CA ASP A 159 19.98 -4.17 -20.57
C ASP A 159 19.30 -5.36 -19.96
N PHE A 160 18.53 -6.10 -20.78
CA PHE A 160 17.77 -7.26 -20.31
C PHE A 160 18.51 -8.61 -20.45
N TYR A 161 18.50 -9.39 -19.36
CA TYR A 161 19.16 -10.71 -19.24
C TYR A 161 18.16 -11.85 -19.07
N VAL A 162 18.48 -12.98 -19.68
CA VAL A 162 17.74 -14.21 -19.49
C VAL A 162 18.79 -15.25 -19.15
N ASP A 163 18.73 -15.86 -17.97
CA ASP A 163 19.72 -16.87 -17.61
C ASP A 163 21.16 -16.40 -17.69
N GLY A 164 21.41 -15.18 -17.20
CA GLY A 164 22.76 -14.64 -17.10
C GLY A 164 23.36 -14.08 -18.38
N LYS A 165 22.55 -14.00 -19.47
CA LYS A 165 22.98 -13.55 -20.81
C LYS A 165 22.19 -12.35 -21.32
N LYS A 166 22.87 -11.32 -21.77
CA LYS A 166 22.18 -10.09 -22.18
C LYS A 166 21.57 -10.30 -23.55
N VAL A 167 20.27 -10.10 -23.67
CA VAL A 167 19.59 -10.35 -24.92
C VAL A 167 19.02 -9.12 -25.60
N TYR A 168 19.01 -7.96 -24.94
CA TYR A 168 18.34 -6.77 -25.44
C TYR A 168 18.82 -5.53 -24.70
N ARG A 169 18.85 -4.39 -25.41
CA ARG A 169 19.08 -3.07 -24.76
C ARG A 169 17.93 -2.12 -25.13
N GLY A 170 17.33 -1.42 -24.16
CA GLY A 170 16.43 -0.30 -24.48
C GLY A 170 17.16 0.99 -24.19
N THR A 171 16.85 2.01 -24.97
CA THR A 171 17.52 3.28 -24.84
C THR A 171 16.57 4.46 -24.83
N ARG A 172 15.30 4.28 -25.22
CA ARG A 172 14.30 5.38 -25.29
C ARG A 172 13.68 5.65 -23.92
N ASN A 173 13.71 6.92 -23.50
CA ASN A 173 12.95 7.36 -22.36
C ASN A 173 13.24 6.47 -21.14
N ILE A 174 14.50 6.40 -20.68
CA ILE A 174 14.91 5.53 -19.59
C ILE A 174 14.54 6.17 -18.24
N PRO A 175 13.93 5.39 -17.31
CA PRO A 175 13.57 5.98 -16.05
C PRO A 175 14.78 6.43 -15.27
N VAL A 176 14.53 7.33 -14.33
CA VAL A 176 15.51 8.00 -13.54
C VAL A 176 15.41 7.68 -12.04
N THR A 177 14.21 7.40 -11.54
CA THR A 177 13.98 7.55 -10.13
C THR A 177 14.00 6.19 -9.41
N PRO A 178 14.91 6.01 -8.42
CA PRO A 178 14.89 4.73 -7.66
C PRO A 178 13.49 4.24 -7.25
N GLY A 179 13.28 2.92 -7.35
CA GLY A 179 11.99 2.33 -7.18
C GLY A 179 12.06 1.23 -6.09
N LYS A 180 10.93 0.65 -5.79
CA LYS A 180 10.83 -0.56 -4.90
C LYS A 180 10.82 -1.79 -5.82
N ILE A 181 11.41 -2.89 -5.39
CA ILE A 181 11.36 -4.09 -6.21
C ILE A 181 10.10 -4.84 -5.81
N MET A 182 9.39 -5.37 -6.79
CA MET A 182 8.07 -5.94 -6.57
C MET A 182 7.87 -7.14 -7.50
N MET A 183 7.06 -8.09 -7.03
CA MET A 183 6.55 -9.18 -7.86
C MET A 183 5.03 -9.28 -7.68
N ASN A 184 4.29 -9.50 -8.79
CA ASN A 184 2.82 -9.75 -8.70
C ASN A 184 2.30 -10.77 -9.74
N LEU A 185 1.05 -11.16 -9.61
CA LEU A 185 0.43 -12.16 -10.46
C LEU A 185 -0.98 -11.71 -10.62
N TRP A 186 -1.42 -11.46 -11.86
CA TRP A 186 -2.76 -10.95 -11.98
C TRP A 186 -3.47 -11.29 -13.22
N PRO A 187 -4.79 -11.37 -13.16
CA PRO A 187 -5.61 -11.47 -14.39
C PRO A 187 -5.90 -10.07 -14.98
N GLY A 188 -5.78 -9.94 -16.29
CA GLY A 188 -5.96 -8.65 -16.86
C GLY A 188 -7.43 -8.39 -17.17
N ILE A 189 -7.78 -7.11 -17.31
CA ILE A 189 -9.13 -6.67 -17.67
C ILE A 189 -9.04 -5.45 -18.63
N GLY A 190 -9.78 -5.52 -19.74
CA GLY A 190 -9.77 -4.41 -20.71
C GLY A 190 -8.55 -4.50 -21.60
N VAL A 191 -7.85 -5.63 -21.56
CA VAL A 191 -6.61 -5.76 -22.29
C VAL A 191 -6.53 -7.11 -23.04
N ASP A 192 -7.65 -7.52 -23.64
CA ASP A 192 -7.73 -8.81 -24.35
C ASP A 192 -6.75 -8.97 -25.49
N GLU A 193 -6.58 -7.95 -26.31
CA GLU A 193 -5.64 -8.03 -27.43
C GLU A 193 -4.24 -8.28 -26.91
N TRP A 194 -3.91 -7.73 -25.73
CA TRP A 194 -2.59 -7.90 -25.22
C TRP A 194 -2.36 -9.24 -24.52
N LEU A 195 -3.29 -9.64 -23.66
CA LEU A 195 -3.05 -10.81 -22.76
C LEU A 195 -3.86 -12.08 -23.13
N GLY A 196 -4.74 -11.96 -24.13
CA GLY A 196 -5.92 -12.86 -24.19
C GLY A 196 -6.97 -12.53 -23.12
N ARG A 197 -8.16 -13.08 -23.26
CA ARG A 197 -9.14 -12.93 -22.21
C ARG A 197 -8.87 -14.00 -21.13
N TYR A 198 -8.90 -13.57 -19.86
CA TYR A 198 -8.68 -14.46 -18.74
C TYR A 198 -9.84 -15.42 -18.67
N ASP A 199 -9.47 -16.71 -18.72
CA ASP A 199 -10.20 -17.98 -18.44
C ASP A 199 -11.16 -18.06 -17.23
N GLY A 200 -10.74 -17.50 -16.10
CA GLY A 200 -11.48 -17.62 -14.82
C GLY A 200 -10.99 -18.84 -14.05
N ARG A 201 -9.97 -19.49 -14.60
CA ARG A 201 -9.43 -20.69 -14.03
C ARG A 201 -8.50 -20.42 -12.83
N THR A 202 -8.76 -21.15 -11.76
CA THR A 202 -8.00 -20.99 -10.49
C THR A 202 -7.80 -22.37 -9.84
N PRO A 203 -6.89 -22.50 -8.84
CA PRO A 203 -5.84 -21.53 -8.49
C PRO A 203 -4.82 -21.56 -9.61
N LEU A 204 -4.00 -20.53 -9.70
CA LEU A 204 -2.81 -20.44 -10.55
C LEU A 204 -1.71 -19.86 -9.65
N GLN A 205 -0.45 -20.18 -9.89
CA GLN A 205 0.64 -19.65 -9.07
C GLN A 205 1.88 -19.40 -9.89
N ALA A 206 2.64 -18.42 -9.44
CA ALA A 206 3.97 -18.13 -9.94
C ALA A 206 4.85 -18.34 -8.69
N GLU A 207 6.06 -18.79 -8.92
CA GLU A 207 6.99 -19.12 -7.82
C GLU A 207 8.33 -18.44 -8.03
N TYR A 208 8.91 -17.98 -6.95
CA TYR A 208 10.14 -17.18 -7.02
C TYR A 208 11.12 -17.80 -6.05
N GLU A 209 12.39 -17.97 -6.41
CA GLU A 209 13.38 -18.47 -5.43
C GLU A 209 14.17 -17.35 -4.79
N TYR A 210 14.46 -16.31 -5.56
CA TYR A 210 15.24 -15.19 -5.03
C TYR A 210 15.04 -13.90 -5.84
N VAL A 211 15.59 -12.84 -5.27
CA VAL A 211 15.73 -11.53 -5.88
C VAL A 211 17.06 -11.00 -5.34
N LYS A 212 17.90 -10.52 -6.27
CA LYS A 212 19.22 -9.97 -5.97
C LYS A 212 19.40 -8.65 -6.68
N TYR A 213 20.02 -7.72 -5.98
CA TYR A 213 20.43 -6.44 -6.57
C TYR A 213 21.93 -6.20 -6.33
N TYR A 214 22.62 -5.89 -7.43
CA TYR A 214 24.02 -5.56 -7.39
C TYR A 214 24.21 -4.13 -7.92
N PRO A 215 24.72 -3.23 -7.07
CA PRO A 215 24.85 -1.84 -7.46
C PRO A 215 25.95 -1.66 -8.48
N ASN A 216 26.83 -2.64 -8.60
CA ASN A 216 28.06 -2.49 -9.37
C ASN A 216 28.14 -3.35 -10.61
N GLY A 217 27.84 -4.64 -10.48
CA GLY A 217 28.21 -5.59 -11.53
C GLY A 217 27.07 -6.12 -12.36
N VAL A 218 27.47 -6.86 -13.40
CA VAL A 218 26.60 -7.66 -14.28
C VAL A 218 27.25 -9.07 -14.35
N PRO A 219 26.60 -10.08 -15.03
CA PRO A 219 27.22 -11.45 -15.23
C PRO A 219 28.22 -11.69 -16.40
N ALA B 1 14.69 -1.16 9.67
CA ALA B 1 13.44 -1.72 10.32
C ALA B 1 13.45 -1.93 11.90
N THR B 2 13.66 -0.86 12.69
CA THR B 2 13.19 -0.90 14.11
C THR B 2 11.87 -0.15 14.19
N VAL B 3 10.99 -0.61 15.07
CA VAL B 3 9.89 0.22 15.57
C VAL B 3 10.38 1.44 16.41
N VAL B 4 9.65 2.54 16.29
CA VAL B 4 10.06 3.77 16.98
C VAL B 4 9.54 3.81 18.46
N ASN B 5 10.45 4.07 19.41
CA ASN B 5 10.19 4.18 20.88
C ASN B 5 10.79 5.50 21.36
N THR B 6 11.00 6.41 20.43
CA THR B 6 11.57 7.73 20.75
C THR B 6 10.52 8.76 20.26
N PRO B 7 10.57 10.01 20.76
CA PRO B 7 9.39 10.82 20.45
C PRO B 7 9.38 11.15 18.94
N PHE B 8 8.22 11.33 18.36
CA PHE B 8 8.13 11.54 16.93
C PHE B 8 7.21 12.73 16.77
N VAL B 9 7.60 13.74 16.00
CA VAL B 9 6.76 14.94 15.89
C VAL B 9 6.63 15.25 14.36
N ALA B 10 5.40 15.41 13.87
CA ALA B 10 5.19 15.83 12.52
C ALA B 10 4.21 17.01 12.50
N VAL B 11 4.78 18.23 12.47
CA VAL B 11 3.95 19.40 12.57
C VAL B 11 3.95 19.92 11.10
N PHE B 12 2.78 20.03 10.50
CA PHE B 12 2.75 20.03 9.05
C PHE B 12 3.16 21.39 8.50
N SER B 13 3.42 22.36 9.38
CA SER B 13 3.90 23.71 8.97
C SER B 13 5.39 23.56 8.75
N ASN B 14 5.93 22.40 9.13
CA ASN B 14 7.33 22.29 9.16
C ASN B 14 7.84 20.87 9.60
N PHE B 15 7.96 20.00 8.61
CA PHE B 15 8.15 18.54 9.02
C PHE B 15 8.98 17.86 7.96
N ASP B 16 9.18 16.55 8.12
CA ASP B 16 10.02 15.78 7.19
C ASP B 16 9.17 14.81 6.41
N SER B 17 8.87 15.17 5.16
CA SER B 17 7.78 14.43 4.48
C SER B 17 8.37 13.09 4.06
N SER B 18 9.68 12.86 4.27
CA SER B 18 10.29 11.58 3.89
C SER B 18 9.82 10.42 4.82
N GLN B 19 9.17 10.82 5.89
CA GLN B 19 8.59 9.91 6.90
C GLN B 19 7.23 9.32 6.57
N TRP B 20 6.65 9.76 5.45
CA TRP B 20 5.26 9.54 5.06
C TRP B 20 5.11 9.09 3.62
N GLU B 21 4.04 8.32 3.41
CA GLU B 21 3.69 7.73 2.12
C GLU B 21 2.23 8.14 1.85
N LYS B 22 1.89 8.43 0.59
CA LYS B 22 0.51 8.67 0.18
C LYS B 22 -0.01 7.44 -0.52
N ALA B 23 -1.21 7.01 -0.16
CA ALA B 23 -1.78 5.76 -0.75
C ALA B 23 -2.19 5.99 -2.20
N ASP B 24 -2.04 4.97 -3.05
CA ASP B 24 -2.40 5.10 -4.54
C ASP B 24 -3.02 3.73 -4.90
N TRP B 25 -4.16 3.42 -4.30
CA TRP B 25 -4.81 2.08 -4.46
C TRP B 25 -6.15 2.20 -3.78
N ALA B 26 -7.00 1.15 -3.83
CA ALA B 26 -8.35 1.19 -3.23
C ALA B 26 -8.32 0.17 -2.07
N ASN B 27 -8.77 0.61 -0.91
CA ASN B 27 -8.63 -0.19 0.38
C ASN B 27 -9.59 -1.38 0.27
N GLY B 28 -10.66 -1.24 -0.53
CA GLY B 28 -11.72 -2.26 -0.61
C GLY B 28 -12.65 -2.18 0.61
N SER B 29 -13.23 -3.33 1.05
CA SER B 29 -14.01 -3.37 2.29
C SER B 29 -15.16 -2.42 2.02
N VAL B 30 -15.57 -1.58 2.99
CA VAL B 30 -16.76 -0.69 2.85
C VAL B 30 -16.44 0.75 2.34
N PHE B 31 -15.26 0.92 1.76
CA PHE B 31 -14.77 2.24 1.38
C PHE B 31 -15.22 2.46 -0.08
N ASN B 32 -16.08 3.46 -0.30
CA ASN B 32 -16.53 3.74 -1.65
C ASN B 32 -15.69 4.79 -2.38
N CYS B 33 -14.37 4.79 -2.22
CA CYS B 33 -13.50 5.73 -2.97
C CYS B 33 -12.20 5.00 -3.32
N VAL B 34 -11.39 5.52 -4.24
CA VAL B 34 -10.00 5.04 -4.41
C VAL B 34 -9.12 6.09 -3.68
N TRP B 35 -7.95 5.70 -3.17
CA TRP B 35 -6.98 6.71 -2.71
C TRP B 35 -6.11 7.14 -3.87
N LYS B 36 -5.97 8.46 -4.04
CA LYS B 36 -4.97 8.99 -4.93
C LYS B 36 -4.03 9.96 -4.14
N PRO B 37 -2.73 9.88 -4.40
CA PRO B 37 -1.83 10.86 -3.76
C PRO B 37 -2.26 12.37 -4.00
N SER B 38 -2.89 12.66 -5.12
CA SER B 38 -3.30 14.06 -5.47
C SER B 38 -4.28 14.60 -4.41
N GLN B 39 -4.88 13.68 -3.61
CA GLN B 39 -5.87 14.14 -2.65
C GLN B 39 -5.25 14.40 -1.28
N VAL B 40 -3.93 14.30 -1.15
CA VAL B 40 -3.24 14.66 0.09
C VAL B 40 -2.50 15.98 -0.25
N THR B 41 -2.92 17.10 0.32
CA THR B 41 -2.16 18.33 -0.03
C THR B 41 -1.80 19.12 1.27
N PHE B 42 -1.14 20.26 1.11
CA PHE B 42 -0.69 21.01 2.28
C PHE B 42 -1.04 22.42 2.02
N SER B 43 -1.77 23.04 2.95
CA SER B 43 -2.17 24.43 2.78
C SER B 43 -2.15 25.11 4.16
N ASN B 44 -1.56 26.31 4.24
CA ASN B 44 -1.46 27.04 5.58
C ASN B 44 -0.97 26.18 6.75
N GLY B 45 0.00 25.34 6.45
CA GLY B 45 0.71 24.53 7.43
C GLY B 45 -0.14 23.34 7.91
N LYS B 46 -1.28 23.07 7.22
CA LYS B 46 -2.14 21.89 7.45
C LYS B 46 -1.95 20.88 6.39
N MET B 47 -1.92 19.61 6.78
CA MET B 47 -2.13 18.53 5.77
C MET B 47 -3.62 18.49 5.54
N ILE B 48 -4.01 18.35 4.29
CA ILE B 48 -5.43 18.34 3.92
C ILE B 48 -5.79 17.03 3.11
N LEU B 49 -6.77 16.28 3.60
CA LEU B 49 -7.39 15.16 2.83
C LEU B 49 -8.66 15.70 2.12
N THR B 50 -8.73 15.56 0.80
CA THR B 50 -9.85 16.01 0.01
C THR B 50 -10.65 14.84 -0.67
N LEU B 51 -11.92 14.70 -0.29
CA LEU B 51 -12.83 13.76 -0.94
C LEU B 51 -13.54 14.46 -2.11
N ASP B 52 -13.44 13.87 -3.30
CA ASP B 52 -13.97 14.56 -4.47
C ASP B 52 -14.48 13.55 -5.49
N ARG B 53 -15.10 14.05 -6.55
CA ARG B 53 -15.54 13.13 -7.63
C ARG B 53 -14.38 12.52 -8.38
N GLU B 54 -14.42 11.21 -8.63
CA GLU B 54 -13.48 10.55 -9.53
C GLU B 54 -14.22 10.18 -10.85
N TYR B 55 -13.62 10.52 -11.99
CA TYR B 55 -14.14 10.12 -13.30
C TYR B 55 -13.14 9.23 -13.94
N GLY B 56 -13.62 8.21 -14.62
CA GLY B 56 -12.70 7.39 -15.40
C GLY B 56 -12.09 6.29 -14.61
N GLY B 57 -12.42 6.13 -13.33
CA GLY B 57 -12.01 4.90 -12.67
C GLY B 57 -13.20 4.06 -12.25
N SER B 58 -12.96 3.11 -11.36
CA SER B 58 -13.97 2.17 -10.87
C SER B 58 -14.83 2.64 -9.72
N TYR B 59 -14.40 3.72 -9.06
CA TYR B 59 -15.19 4.27 -7.96
C TYR B 59 -15.61 5.64 -8.39
N PRO B 60 -16.79 6.05 -7.90
CA PRO B 60 -17.13 7.40 -8.27
C PRO B 60 -16.50 8.51 -7.39
N TYR B 61 -15.63 8.14 -6.40
CA TYR B 61 -14.96 9.14 -5.51
C TYR B 61 -13.51 8.85 -5.36
N LYS B 62 -12.70 9.87 -5.11
CA LYS B 62 -11.25 9.70 -4.81
C LYS B 62 -11.06 10.45 -3.50
N SER B 63 -10.10 9.97 -2.69
CA SER B 63 -9.75 10.64 -1.45
C SER B 63 -8.30 10.28 -1.14
N GLY B 64 -7.86 10.63 0.07
CA GLY B 64 -6.46 10.50 0.39
C GLY B 64 -6.26 9.68 1.66
N GLU B 65 -5.16 8.92 1.72
CA GLU B 65 -4.81 8.28 3.00
C GLU B 65 -3.33 8.51 3.15
N TYR B 66 -2.91 9.02 4.33
CA TYR B 66 -1.52 9.46 4.52
C TYR B 66 -0.90 8.58 5.62
N ARG B 67 0.30 8.01 5.42
CA ARG B 67 0.71 6.87 6.35
C ARG B 67 2.19 6.99 6.67
N THR B 68 2.56 6.77 7.89
CA THR B 68 3.97 6.81 8.22
C THR B 68 4.67 5.66 7.52
N LYS B 69 5.97 5.78 7.29
CA LYS B 69 6.77 4.64 6.86
C LYS B 69 7.11 3.79 8.14
N SER B 70 7.31 4.45 9.29
CA SER B 70 7.76 3.78 10.52
C SER B 70 6.66 3.12 11.28
N PHE B 71 7.03 2.13 12.13
CA PHE B 71 6.07 1.61 13.11
C PHE B 71 6.32 2.21 14.51
N PHE B 72 5.27 2.29 15.32
CA PHE B 72 5.39 2.90 16.64
C PHE B 72 4.88 1.98 17.75
N GLY B 73 5.49 2.07 18.94
CA GLY B 73 5.10 1.13 20.06
C GLY B 73 4.14 1.79 21.05
N TYR B 74 4.12 1.25 22.26
CA TYR B 74 3.25 1.77 23.26
C TYR B 74 3.60 3.18 23.54
N GLY B 75 2.61 3.96 23.92
CA GLY B 75 2.93 5.35 24.19
C GLY B 75 1.70 6.14 23.88
N TYR B 76 1.87 7.46 23.81
CA TYR B 76 0.74 8.35 23.70
C TYR B 76 0.80 8.98 22.31
N TYR B 77 -0.32 8.84 21.61
CA TYR B 77 -0.49 9.36 20.22
C TYR B 77 -1.40 10.56 20.19
N GLU B 78 -0.95 11.64 19.52
CA GLU B 78 -1.77 12.83 19.54
C GLU B 78 -1.85 13.48 18.12
N VAL B 79 -3.05 13.93 17.79
CA VAL B 79 -3.34 14.54 16.49
C VAL B 79 -4.14 15.82 16.77
N ARG B 80 -3.90 16.86 16.02
CA ARG B 80 -4.72 18.04 16.08
C ARG B 80 -5.30 18.15 14.67
N MET B 81 -6.63 18.19 14.60
CA MET B 81 -7.32 17.99 13.30
C MET B 81 -8.71 18.57 13.39
N LYS B 82 -9.31 18.81 12.21
CA LYS B 82 -10.67 19.32 12.05
C LYS B 82 -11.39 18.39 11.06
N ALA B 83 -12.36 17.65 11.57
CA ALA B 83 -13.17 16.71 10.75
C ALA B 83 -14.11 17.31 9.68
N ALA B 84 -14.39 16.52 8.66
CA ALA B 84 -15.36 16.92 7.63
C ALA B 84 -16.73 16.61 8.12
N LYS B 85 -17.67 17.50 7.80
CA LYS B 85 -19.07 17.32 8.16
C LYS B 85 -19.84 16.93 6.90
N ASN B 86 -20.49 15.76 6.93
CA ASN B 86 -21.35 15.29 5.84
C ASN B 86 -21.86 13.89 6.17
N VAL B 87 -23.12 13.62 5.80
CA VAL B 87 -23.65 12.32 6.01
C VAL B 87 -22.79 11.33 5.16
N GLY B 88 -22.64 10.08 5.62
CA GLY B 88 -22.03 8.98 4.85
C GLY B 88 -20.52 8.87 4.89
N ILE B 89 -19.84 9.74 5.65
CA ILE B 89 -18.35 9.78 5.63
C ILE B 89 -17.62 9.55 6.97
N VAL B 90 -16.33 9.24 6.90
CA VAL B 90 -15.46 9.20 8.09
C VAL B 90 -14.17 10.03 7.86
N SER B 91 -13.78 10.84 8.86
CA SER B 91 -12.39 11.36 8.95
C SER B 91 -11.73 10.67 10.11
N SER B 92 -10.47 10.23 9.97
CA SER B 92 -9.83 9.41 10.99
C SER B 92 -8.42 9.81 11.30
N PHE B 93 -7.97 9.31 12.46
CA PHE B 93 -6.59 9.24 12.89
C PHE B 93 -6.42 7.88 13.55
N PHE B 94 -5.46 7.07 13.11
CA PHE B 94 -5.49 5.72 13.68
C PHE B 94 -4.13 5.07 13.58
N THR B 95 -3.94 3.96 14.28
CA THR B 95 -2.75 3.16 14.06
C THR B 95 -3.18 1.86 13.39
N TYR B 96 -2.37 1.32 12.52
CA TYR B 96 -2.73 0.09 11.88
C TYR B 96 -1.50 -0.73 11.55
N THR B 97 -1.58 -2.00 11.94
CA THR B 97 -0.79 -3.03 11.28
C THR B 97 -1.68 -4.31 11.05
N GLY B 98 -1.21 -5.23 10.24
CA GLY B 98 -2.00 -6.38 9.86
C GLY B 98 -1.13 -7.25 8.97
N PRO B 99 -1.80 -8.10 8.20
CA PRO B 99 -1.00 -9.15 7.51
C PRO B 99 -0.10 -8.64 6.37
N SER B 100 -0.32 -7.41 5.93
CA SER B 100 0.71 -6.77 5.07
C SER B 100 2.13 -6.84 5.64
N ASP B 101 2.21 -6.68 6.99
CA ASP B 101 3.42 -6.60 7.69
C ASP B 101 3.69 -7.93 8.50
N ASN B 102 3.12 -9.05 8.07
CA ASN B 102 3.15 -10.33 8.78
C ASN B 102 2.76 -10.21 10.24
N ASN B 103 1.80 -9.34 10.52
CA ASN B 103 1.36 -9.05 11.86
C ASN B 103 -0.12 -9.39 12.04
N PRO B 104 -0.59 -9.58 13.29
CA PRO B 104 -2.02 -9.64 13.53
C PRO B 104 -2.64 -8.31 13.19
N TRP B 105 -3.95 -8.29 12.93
CA TRP B 105 -4.58 -7.01 12.64
C TRP B 105 -4.90 -6.32 13.96
N ASP B 106 -4.02 -5.39 14.27
CA ASP B 106 -3.99 -4.72 15.55
C ASP B 106 -4.16 -3.28 15.20
N GLU B 107 -5.20 -2.66 15.70
CA GLU B 107 -5.41 -1.26 15.17
C GLU B 107 -6.09 -0.44 16.26
N ILE B 108 -5.91 0.90 16.27
CA ILE B 108 -6.65 1.75 17.26
C ILE B 108 -7.25 2.93 16.50
N ASP B 109 -8.52 3.24 16.71
CA ASP B 109 -9.20 4.21 15.85
C ASP B 109 -9.78 5.40 16.57
N ILE B 110 -9.55 6.61 16.02
CA ILE B 110 -10.37 7.79 16.36
C ILE B 110 -11.04 8.18 15.04
N GLU B 111 -12.35 7.97 14.99
CA GLU B 111 -13.09 8.17 13.74
C GLU B 111 -14.19 9.20 13.97
N PHE B 112 -14.26 10.24 13.13
CA PHE B 112 -15.32 11.23 13.17
C PHE B 112 -16.29 10.81 12.10
N LEU B 113 -17.44 10.33 12.57
CA LEU B 113 -18.54 10.02 11.66
C LEU B 113 -19.15 11.33 11.25
N GLY B 114 -19.01 11.63 9.96
CA GLY B 114 -19.48 12.88 9.36
C GLY B 114 -20.96 13.27 9.47
N LYS B 115 -21.87 12.30 9.64
CA LYS B 115 -23.32 12.62 9.86
C LYS B 115 -23.61 13.34 11.22
N ASP B 116 -22.64 13.32 12.12
CA ASP B 116 -22.79 14.01 13.40
C ASP B 116 -21.43 14.35 13.97
N THR B 117 -20.91 15.52 13.59
CA THR B 117 -19.61 15.92 14.02
C THR B 117 -19.61 16.42 15.50
N THR B 118 -20.62 16.07 16.29
CA THR B 118 -20.74 16.37 17.76
C THR B 118 -20.05 15.29 18.57
N LYS B 119 -19.84 14.15 17.92
CA LYS B 119 -19.50 12.90 18.53
C LYS B 119 -18.23 12.47 17.84
N VAL B 120 -17.38 11.77 18.59
CA VAL B 120 -16.21 11.11 18.06
C VAL B 120 -16.42 9.63 18.43
N GLN B 121 -15.90 8.73 17.60
CA GLN B 121 -16.05 7.31 17.89
C GLN B 121 -14.69 6.69 18.10
N PHE B 122 -14.56 5.93 19.18
CA PHE B 122 -13.35 5.21 19.41
C PHE B 122 -13.58 3.73 19.04
N ASN B 123 -12.49 3.04 18.66
CA ASN B 123 -12.51 1.60 18.41
C ASN B 123 -11.11 1.08 18.48
N TRP B 124 -11.04 -0.24 18.59
CA TRP B 124 -9.80 -0.98 18.37
C TRP B 124 -10.00 -2.38 17.91
N TYR B 125 -8.95 -2.95 17.33
CA TYR B 125 -9.00 -4.30 16.79
C TYR B 125 -7.80 -4.97 17.38
N LYS B 126 -8.03 -6.19 17.88
CA LYS B 126 -6.92 -7.03 18.23
C LYS B 126 -6.96 -8.32 17.45
N ASN B 127 -5.85 -8.66 16.78
CA ASN B 127 -5.81 -9.82 15.90
C ASN B 127 -7.05 -9.92 15.06
N GLY B 128 -7.51 -8.77 14.60
CA GLY B 128 -8.61 -8.70 13.66
C GLY B 128 -9.97 -8.78 14.32
N VAL B 129 -10.03 -8.73 15.64
CA VAL B 129 -11.29 -8.70 16.35
C VAL B 129 -11.61 -7.30 16.87
N GLY B 130 -12.75 -6.77 16.44
CA GLY B 130 -13.09 -5.37 16.67
C GLY B 130 -14.28 -5.29 17.56
N GLY B 131 -15.25 -4.45 17.23
CA GLY B 131 -16.51 -4.52 18.01
C GLY B 131 -16.49 -3.68 19.31
N ASN B 132 -15.47 -2.82 19.49
CA ASN B 132 -15.31 -1.96 20.67
C ASN B 132 -15.78 -0.52 20.38
N GLU B 133 -16.63 -0.33 19.36
CA GLU B 133 -17.09 1.04 18.99
C GLU B 133 -17.73 1.78 20.19
N TYR B 134 -17.20 2.97 20.53
CA TYR B 134 -17.79 3.82 21.56
C TYR B 134 -17.97 5.26 21.07
N LEU B 135 -19.20 5.79 21.18
CA LEU B 135 -19.47 7.15 20.75
C LEU B 135 -19.42 8.12 21.91
N HIS B 136 -18.51 9.07 21.83
CA HIS B 136 -18.25 10.01 22.90
C HIS B 136 -18.81 11.31 22.48
N ASN B 137 -19.61 11.94 23.35
CA ASN B 137 -20.08 13.31 23.06
C ASN B 137 -19.04 14.36 23.29
N LEU B 138 -18.80 15.15 22.26
CA LEU B 138 -17.67 16.08 22.30
C LEU B 138 -17.96 17.30 23.18
N GLY B 139 -19.17 17.84 23.05
CA GLY B 139 -19.47 19.12 23.66
C GLY B 139 -19.02 20.26 22.75
N PHE B 140 -18.91 20.00 21.44
CA PHE B 140 -18.56 21.01 20.43
C PHE B 140 -18.59 20.25 19.11
N ASP B 141 -18.51 21.00 18.01
CA ASP B 141 -18.59 20.42 16.68
C ASP B 141 -17.18 20.29 16.13
N ALA B 142 -16.72 19.05 16.06
CA ALA B 142 -15.42 18.74 15.52
C ALA B 142 -15.06 19.39 14.14
N SER B 143 -16.05 19.74 13.34
CA SER B 143 -15.78 20.26 12.00
C SER B 143 -15.49 21.78 11.98
N GLN B 144 -15.84 22.48 13.06
CA GLN B 144 -15.84 23.96 13.07
C GLN B 144 -14.53 24.54 13.60
N ASP B 145 -13.70 23.70 14.20
CA ASP B 145 -12.41 24.17 14.76
C ASP B 145 -11.43 23.00 14.83
N PHE B 146 -10.14 23.32 14.90
CA PHE B 146 -9.15 22.29 15.25
C PHE B 146 -9.27 21.98 16.72
N HIS B 147 -9.15 20.71 17.05
CA HIS B 147 -9.01 20.25 18.42
C HIS B 147 -7.96 19.18 18.45
N THR B 148 -7.58 18.81 19.67
CA THR B 148 -6.59 17.79 19.77
C THR B 148 -7.18 16.52 20.38
N TYR B 149 -6.70 15.36 19.93
CA TYR B 149 -7.27 14.07 20.19
C TYR B 149 -6.12 13.13 20.33
N GLY B 150 -6.32 12.03 21.08
CA GLY B 150 -5.13 11.22 21.31
C GLY B 150 -5.53 9.89 21.97
N PHE B 151 -4.58 8.97 22.00
CA PHE B 151 -4.81 7.83 22.84
C PHE B 151 -3.51 7.45 23.49
N GLU B 152 -3.62 6.98 24.74
CA GLU B 152 -2.47 6.41 25.30
C GLU B 152 -2.77 4.92 25.25
N TRP B 153 -1.75 4.22 24.73
CA TRP B 153 -1.77 2.85 24.44
C TRP B 153 -0.78 2.11 25.29
N ARG B 154 -1.34 1.22 26.07
CA ARG B 154 -0.57 0.29 26.82
C ARG B 154 -1.10 -1.13 26.64
N PRO B 155 -0.20 -2.14 27.04
CA PRO B 155 -0.72 -3.50 26.80
C PRO B 155 -2.04 -3.80 27.45
N ASP B 156 -2.38 -3.16 28.54
CA ASP B 156 -3.58 -3.50 29.25
C ASP B 156 -4.74 -2.58 29.12
N TYR B 157 -4.58 -1.44 28.46
CA TYR B 157 -5.71 -0.51 28.29
C TYR B 157 -5.42 0.56 27.21
N ILE B 158 -6.46 1.24 26.75
CA ILE B 158 -6.28 2.40 25.83
C ILE B 158 -7.13 3.53 26.44
N ASP B 159 -6.51 4.65 26.74
CA ASP B 159 -7.28 5.84 27.18
C ASP B 159 -7.30 6.75 25.93
N PHE B 160 -8.49 7.21 25.60
CA PHE B 160 -8.71 8.18 24.57
C PHE B 160 -8.96 9.53 25.21
N TYR B 161 -8.43 10.56 24.58
CA TYR B 161 -8.46 11.90 25.06
C TYR B 161 -9.08 12.86 24.06
N VAL B 162 -9.75 13.88 24.61
CA VAL B 162 -10.23 15.06 23.81
C VAL B 162 -9.74 16.35 24.48
N ASP B 163 -8.92 17.10 23.76
CA ASP B 163 -8.37 18.34 24.29
C ASP B 163 -7.63 18.10 25.61
N GLY B 164 -6.79 17.07 25.65
CA GLY B 164 -6.00 16.85 26.87
C GLY B 164 -6.76 16.20 28.08
N LYS B 165 -8.08 15.99 27.94
CA LYS B 165 -8.90 15.24 28.94
C LYS B 165 -9.03 13.76 28.55
N LYS B 166 -8.73 12.83 29.47
CA LYS B 166 -9.11 11.47 29.15
C LYS B 166 -10.62 11.41 29.27
N VAL B 167 -11.27 10.92 28.23
CA VAL B 167 -12.72 10.76 28.22
C VAL B 167 -13.20 9.29 28.13
N TYR B 168 -12.35 8.34 27.74
CA TYR B 168 -12.86 6.96 27.67
C TYR B 168 -11.73 5.99 27.84
N ARG B 169 -11.98 4.88 28.51
CA ARG B 169 -10.95 3.84 28.57
C ARG B 169 -11.45 2.48 28.08
N GLY B 170 -10.61 1.77 27.31
CA GLY B 170 -10.93 0.44 26.84
C GLY B 170 -10.00 -0.45 27.60
N THR B 171 -10.50 -1.60 28.05
CA THR B 171 -9.65 -2.47 28.83
C THR B 171 -9.66 -3.92 28.38
N ARG B 172 -10.49 -4.19 27.35
CA ARG B 172 -10.75 -5.56 26.90
C ARG B 172 -10.12 -5.83 25.54
N ASN B 173 -9.31 -6.89 25.43
CA ASN B 173 -8.84 -7.38 24.10
C ASN B 173 -8.08 -6.28 23.37
N ILE B 174 -6.97 -5.85 24.01
CA ILE B 174 -6.17 -4.67 23.62
C ILE B 174 -5.04 -5.03 22.68
N PRO B 175 -4.91 -4.28 21.55
CA PRO B 175 -3.88 -4.76 20.66
C PRO B 175 -2.48 -4.65 21.24
N VAL B 176 -1.56 -5.35 20.64
CA VAL B 176 -0.25 -5.41 21.17
C VAL B 176 0.88 -4.98 20.16
N THR B 177 0.61 -4.95 18.85
CA THR B 177 1.68 -5.02 17.89
C THR B 177 1.90 -3.61 17.29
N PRO B 178 3.13 -3.09 17.33
CA PRO B 178 3.37 -1.73 16.81
C PRO B 178 2.86 -1.58 15.37
N GLY B 179 2.21 -0.41 15.09
CA GLY B 179 1.54 -0.15 13.87
C GLY B 179 2.02 1.19 13.20
N LYS B 180 1.70 1.38 11.97
CA LYS B 180 1.93 2.74 11.34
C LYS B 180 0.86 3.69 11.84
N ILE B 181 1.08 5.01 11.81
CA ILE B 181 0.06 6.00 12.05
C ILE B 181 -0.40 6.42 10.68
N MET B 182 -1.72 6.57 10.57
CA MET B 182 -2.39 6.83 9.29
C MET B 182 -3.59 7.76 9.58
N MET B 183 -3.97 8.57 8.59
CA MET B 183 -5.17 9.37 8.56
C MET B 183 -5.80 9.19 7.15
N ASN B 184 -7.12 9.15 7.11
CA ASN B 184 -7.79 9.00 5.81
C ASN B 184 -9.17 9.64 6.03
N LEU B 185 -9.87 9.84 4.89
CA LEU B 185 -11.18 10.48 4.78
C LEU B 185 -11.86 9.68 3.69
N TRP B 186 -13.08 9.21 3.97
CA TRP B 186 -13.77 8.33 2.99
C TRP B 186 -15.26 8.24 3.16
N PRO B 187 -15.98 8.02 2.04
CA PRO B 187 -17.40 7.72 2.07
C PRO B 187 -17.64 6.22 2.20
N GLY B 188 -18.49 5.76 3.09
CA GLY B 188 -18.83 4.35 3.06
C GLY B 188 -19.88 3.90 2.05
N ILE B 189 -20.02 2.59 1.85
CA ILE B 189 -21.15 2.04 1.07
C ILE B 189 -21.50 0.76 1.76
N GLY B 190 -22.78 0.44 1.75
CA GLY B 190 -23.22 -0.78 2.43
C GLY B 190 -23.22 -0.70 3.96
N VAL B 191 -22.94 0.50 4.49
CA VAL B 191 -22.97 0.74 5.92
C VAL B 191 -23.81 1.95 6.30
N ASP B 192 -24.98 2.06 5.68
CA ASP B 192 -25.87 3.19 5.88
C ASP B 192 -26.33 3.36 7.33
N GLU B 193 -26.45 2.23 8.02
CA GLU B 193 -26.92 2.27 9.36
C GLU B 193 -25.86 2.97 10.23
N TRP B 194 -24.58 2.64 10.00
CA TRP B 194 -23.49 3.22 10.75
C TRP B 194 -23.23 4.67 10.40
N LEU B 195 -23.18 5.01 9.12
CA LEU B 195 -22.65 6.30 8.67
C LEU B 195 -23.67 7.26 8.13
N GLY B 196 -24.87 6.74 7.87
CA GLY B 196 -25.85 7.40 7.02
C GLY B 196 -25.45 7.09 5.59
N ARG B 197 -26.33 7.33 4.64
CA ARG B 197 -25.95 7.10 3.29
C ARG B 197 -25.33 8.34 2.66
N TYR B 198 -24.20 8.11 2.02
CA TYR B 198 -23.51 9.20 1.38
C TYR B 198 -24.28 9.71 0.17
N ASP B 199 -24.00 10.98 -0.02
CA ASP B 199 -24.81 12.06 -0.47
C ASP B 199 -24.23 12.45 -1.82
N GLY B 200 -22.93 12.21 -2.00
CA GLY B 200 -22.27 12.65 -3.22
C GLY B 200 -21.77 14.08 -3.15
N ARG B 201 -22.08 14.79 -2.05
CA ARG B 201 -21.68 16.19 -1.91
C ARG B 201 -20.15 16.27 -1.91
N THR B 202 -19.59 17.13 -2.80
CA THR B 202 -18.13 17.29 -3.00
C THR B 202 -17.75 18.77 -3.33
N PRO B 203 -16.49 19.21 -3.08
CA PRO B 203 -15.41 18.44 -2.41
C PRO B 203 -15.66 18.46 -0.88
N LEU B 204 -15.14 17.50 -0.11
CA LEU B 204 -15.20 17.61 1.35
C LEU B 204 -13.75 17.54 1.77
N GLN B 205 -13.35 18.13 2.91
CA GLN B 205 -11.96 17.95 3.38
C GLN B 205 -11.80 17.80 4.91
N ALA B 206 -10.82 16.99 5.35
CA ALA B 206 -10.42 16.90 6.79
C ALA B 206 -9.09 17.59 6.81
N GLU B 207 -8.80 18.39 7.82
CA GLU B 207 -7.47 19.02 8.00
C GLU B 207 -6.72 18.60 9.28
N TYR B 208 -5.38 18.51 9.20
CA TYR B 208 -4.56 18.00 10.29
C TYR B 208 -3.38 18.96 10.49
N GLU B 209 -3.19 19.41 11.73
CA GLU B 209 -2.20 20.38 11.94
C GLU B 209 -0.92 19.68 12.32
N TYR B 210 -1.01 18.52 13.04
CA TYR B 210 0.21 17.80 13.44
C TYR B 210 -0.16 16.36 13.89
N VAL B 211 0.84 15.50 13.94
CA VAL B 211 0.73 14.19 14.66
C VAL B 211 1.95 14.14 15.54
N LYS B 212 1.86 13.58 16.79
CA LYS B 212 3.03 13.41 17.62
C LYS B 212 2.89 12.05 18.34
N TYR B 213 4.01 11.36 18.61
CA TYR B 213 3.89 10.18 19.50
C TYR B 213 4.93 10.35 20.57
N TYR B 214 4.55 9.99 21.82
CA TYR B 214 5.41 10.15 22.99
C TYR B 214 5.41 8.79 23.66
N PRO B 215 6.55 8.07 23.57
CA PRO B 215 6.72 6.73 24.12
C PRO B 215 6.44 6.76 25.62
N ASN B 216 6.70 7.90 26.29
CA ASN B 216 6.48 7.88 27.77
C ASN B 216 5.09 8.27 28.27
N GLY B 217 4.14 8.48 27.35
CA GLY B 217 2.75 8.79 27.77
C GLY B 217 2.41 10.28 27.67
N VAL B 218 1.31 10.69 28.32
CA VAL B 218 0.79 12.04 28.07
C VAL B 218 1.80 13.09 28.58
N PRO B 219 2.32 13.98 27.72
CA PRO B 219 3.37 14.83 28.36
C PRO B 219 2.81 15.76 29.50
N GLN B 220 3.58 16.08 30.55
CA GLN B 220 2.97 16.87 31.66
C GLN B 220 3.04 18.35 31.38
#